data_5MN2
#
_entry.id   5MN2
#
_cell.length_a   64.985
_cell.length_b   59.925
_cell.length_c   100.001
_cell.angle_alpha   90.00
_cell.angle_beta   102.09
_cell.angle_gamma   90.00
#
_symmetry.space_group_name_H-M   'P 1 21 1'
#
loop_
_entity.id
_entity.type
_entity.pdbx_description
1 polymer 'Low affinity immunoglobulin gamma Fc region receptor III-A'
2 polymer 'Affimer G3'
3 non-polymer 2-acetamido-2-deoxy-beta-D-glucopyranose
4 non-polymer DI(HYDROXYETHYL)ETHER
5 non-polymer GLYCEROL
6 non-polymer 'TETRAETHYLENE GLYCOL'
7 water water
#
loop_
_entity_poly.entity_id
_entity_poly.type
_entity_poly.pdbx_seq_one_letter_code
_entity_poly.pdbx_strand_id
1 'polypeptide(L)'
;RTEDLPKAVVFLEPQWYRVLEKDSVTLKCQGAYSPEDNSTQWFHNESLISSQASSYFIDAATVDDSGEYRCQTNLSTLSD
PVQLEVHIGWLLLQAPRWVFKEEDPIHLRCHSWKNTALHKVTYLQNGKGRKYFHHNSDFYIPKATLKDSGSYFCRGLFGS
KNVSSETVNITITQG
;
A,B
2 'polypeptide(L)'
;ATGVRAVPGNENSLEIEELARFAVDEHNKKENALLEFVRVVKAKEQAMNTGFTLATMYYLTLEAKDGGKKKLYEAKVWVK
NTQWHNAMTNFKELQEFKPVG
;
C,D
#
# COMPACT_ATOMS: atom_id res chain seq x y z
N ASP A 4 16.78 -9.61 -24.35
CA ASP A 4 15.56 -10.28 -23.93
C ASP A 4 15.34 -11.58 -24.71
N LEU A 5 15.26 -12.70 -23.98
CA LEU A 5 15.00 -13.98 -24.60
C LEU A 5 13.55 -14.40 -24.38
N PRO A 6 12.97 -15.18 -25.30
CA PRO A 6 11.60 -15.69 -25.10
C PRO A 6 11.57 -16.82 -24.07
N LYS A 7 11.67 -16.45 -22.81
CA LYS A 7 11.77 -17.43 -21.74
C LYS A 7 10.46 -18.18 -21.57
N ALA A 8 10.54 -19.50 -21.46
CA ALA A 8 9.42 -20.28 -20.99
C ALA A 8 9.09 -19.87 -19.56
N VAL A 9 7.91 -20.28 -19.09
CA VAL A 9 7.47 -19.99 -17.73
C VAL A 9 6.78 -21.22 -17.16
N VAL A 10 7.14 -21.58 -15.93
CA VAL A 10 6.47 -22.63 -15.19
C VAL A 10 5.43 -21.97 -14.28
N PHE A 11 4.20 -22.46 -14.34
CA PHE A 11 3.17 -21.99 -13.41
C PHE A 11 2.49 -23.20 -12.76
N LEU A 12 1.99 -22.97 -11.56
CA LEU A 12 1.46 -24.02 -10.71
C LEU A 12 -0.07 -24.01 -10.73
N GLU A 13 -0.66 -25.19 -10.88
CA GLU A 13 -2.11 -25.37 -10.79
C GLU A 13 -2.39 -26.45 -9.75
N PRO A 14 -2.93 -26.10 -8.56
CA PRO A 14 -3.24 -24.74 -8.11
C PRO A 14 -1.99 -23.87 -7.93
N GLN A 15 -2.20 -22.56 -7.75
CA GLN A 15 -1.11 -21.59 -7.78
C GLN A 15 -0.21 -21.63 -6.56
N TRP A 16 -0.54 -22.42 -5.55
CA TRP A 16 0.21 -22.38 -4.31
C TRP A 16 1.59 -23.00 -4.50
N TYR A 17 2.62 -22.23 -4.13
CA TYR A 17 3.98 -22.74 -4.14
C TYR A 17 4.37 -23.37 -2.81
N ARG A 18 3.55 -23.16 -1.77
CA ARG A 18 3.66 -23.85 -0.49
C ARG A 18 2.46 -24.77 -0.36
N VAL A 19 2.72 -26.08 -0.26
CA VAL A 19 1.66 -27.07 -0.20
C VAL A 19 1.95 -28.03 0.93
N LEU A 20 0.90 -28.71 1.37
CA LEU A 20 1.00 -29.75 2.39
C LEU A 20 1.24 -31.09 1.74
N GLU A 21 1.87 -31.99 2.49
CA GLU A 21 2.13 -33.33 1.99
C GLU A 21 0.83 -33.99 1.55
N LYS A 22 0.88 -34.71 0.44
CA LYS A 22 -0.21 -35.44 -0.18
C LYS A 22 -1.06 -34.55 -1.09
N ASP A 23 -0.89 -33.23 -1.06
CA ASP A 23 -1.61 -32.37 -1.99
C ASP A 23 -1.23 -32.72 -3.43
N SER A 24 -2.12 -32.37 -4.35
CA SER A 24 -1.88 -32.55 -5.77
C SER A 24 -1.37 -31.24 -6.37
N VAL A 25 -0.35 -31.34 -7.22
CA VAL A 25 0.22 -30.18 -7.89
C VAL A 25 0.51 -30.57 -9.34
N THR A 26 0.13 -29.70 -10.27
CA THR A 26 0.41 -29.89 -11.68
C THR A 26 1.24 -28.72 -12.16
N LEU A 27 2.45 -29.01 -12.64
CA LEU A 27 3.34 -27.99 -13.18
C LEU A 27 3.14 -27.92 -14.68
N LYS A 28 2.91 -26.71 -15.18
CA LYS A 28 2.65 -26.48 -16.59
C LYS A 28 3.68 -25.49 -17.15
N CYS A 29 4.15 -25.78 -18.36
CA CYS A 29 5.16 -24.96 -19.02
C CYS A 29 4.45 -24.05 -20.02
N GLN A 30 4.52 -22.74 -19.77
CA GLN A 30 4.04 -21.76 -20.74
C GLN A 30 5.14 -21.54 -21.76
N GLY A 31 4.94 -22.12 -22.94
CA GLY A 31 5.90 -21.94 -24.02
C GLY A 31 5.28 -22.39 -25.33
N ALA A 32 5.86 -21.89 -26.41
CA ALA A 32 5.40 -22.25 -27.73
C ALA A 32 5.94 -23.63 -28.12
N TYR A 33 5.12 -24.39 -28.85
CA TYR A 33 5.45 -25.75 -29.24
C TYR A 33 5.39 -25.86 -30.76
N SER A 34 6.53 -26.13 -31.39
CA SER A 34 6.51 -26.27 -32.85
C SER A 34 6.10 -27.70 -33.22
N PRO A 35 5.52 -27.88 -34.41
CA PRO A 35 5.17 -29.24 -34.83
C PRO A 35 6.37 -30.12 -35.10
N GLU A 36 7.52 -29.53 -35.45
CA GLU A 36 8.72 -30.31 -35.70
C GLU A 36 9.27 -30.93 -34.41
N ASP A 37 9.14 -30.22 -33.29
CA ASP A 37 9.66 -30.70 -32.02
C ASP A 37 8.75 -30.15 -30.92
N ASN A 38 7.79 -30.97 -30.48
CA ASN A 38 6.80 -30.56 -29.50
C ASN A 38 7.08 -31.08 -28.09
N SER A 39 8.34 -31.43 -27.79
CA SER A 39 8.67 -31.97 -26.49
C SER A 39 9.01 -30.84 -25.51
N THR A 40 9.08 -31.21 -24.23
CA THR A 40 9.41 -30.28 -23.15
C THR A 40 10.54 -30.85 -22.31
N GLN A 41 11.51 -30.00 -21.96
CA GLN A 41 12.58 -30.37 -21.05
C GLN A 41 12.27 -29.79 -19.67
N TRP A 42 12.14 -30.67 -18.69
CA TRP A 42 11.90 -30.27 -17.30
C TRP A 42 13.16 -30.47 -16.47
N PHE A 43 13.38 -29.57 -15.51
CA PHE A 43 14.53 -29.63 -14.62
C PHE A 43 14.04 -29.51 -13.19
N HIS A 44 14.56 -30.36 -12.31
CA HIS A 44 14.25 -30.35 -10.89
C HIS A 44 15.55 -30.25 -10.12
N ASN A 45 15.70 -29.19 -9.33
CA ASN A 45 16.94 -28.92 -8.62
C ASN A 45 18.11 -28.88 -9.59
N GLU A 46 17.88 -28.28 -10.75
CA GLU A 46 18.87 -28.07 -11.81
C GLU A 46 19.22 -29.32 -12.59
N SER A 47 18.55 -30.45 -12.34
CA SER A 47 18.84 -31.70 -13.02
C SER A 47 17.71 -32.07 -13.97
N LEU A 48 18.08 -32.49 -15.17
CA LEU A 48 17.10 -32.92 -16.17
C LEU A 48 16.38 -34.15 -15.66
N ILE A 49 15.05 -34.16 -15.80
CA ILE A 49 14.24 -35.32 -15.47
C ILE A 49 13.66 -35.90 -16.76
N SER A 50 13.04 -37.07 -16.63
CA SER A 50 12.65 -37.87 -17.79
C SER A 50 11.40 -37.32 -18.48
N SER A 51 10.44 -36.79 -17.71
CA SER A 51 9.16 -36.37 -18.26
C SER A 51 9.38 -35.35 -19.39
N GLN A 52 8.68 -35.56 -20.50
CA GLN A 52 8.80 -34.70 -21.67
C GLN A 52 7.48 -34.05 -22.07
N ALA A 53 6.42 -34.23 -21.29
CA ALA A 53 5.13 -33.66 -21.62
C ALA A 53 5.06 -32.20 -21.20
N SER A 54 4.10 -31.48 -21.79
CA SER A 54 3.91 -30.06 -21.45
C SER A 54 3.50 -29.86 -20.00
N SER A 55 2.96 -30.88 -19.36
CA SER A 55 2.57 -30.81 -17.96
C SER A 55 3.27 -31.91 -17.17
N TYR A 56 3.56 -31.62 -15.90
CA TYR A 56 4.23 -32.53 -15.00
C TYR A 56 3.36 -32.69 -13.77
N PHE A 57 2.81 -33.89 -13.58
CA PHE A 57 1.82 -34.13 -12.54
C PHE A 57 2.47 -34.67 -11.28
N ILE A 58 2.04 -34.17 -10.14
CA ILE A 58 2.42 -34.70 -8.82
C ILE A 58 1.12 -35.04 -8.11
N ASP A 59 0.72 -36.31 -8.16
CA ASP A 59 -0.54 -36.73 -7.55
C ASP A 59 -0.54 -36.46 -6.05
N ALA A 60 0.44 -36.98 -5.33
CA ALA A 60 0.55 -36.79 -3.88
C ALA A 60 1.96 -36.28 -3.58
N ALA A 61 2.06 -35.04 -3.14
CA ALA A 61 3.35 -34.41 -2.95
C ALA A 61 4.09 -34.97 -1.73
N THR A 62 5.39 -35.17 -1.90
CA THR A 62 6.28 -35.56 -0.81
C THR A 62 7.41 -34.54 -0.72
N VAL A 63 8.15 -34.60 0.39
CA VAL A 63 9.21 -33.62 0.62
C VAL A 63 10.24 -33.68 -0.50
N ASP A 64 10.39 -34.83 -1.15
CA ASP A 64 11.35 -34.93 -2.25
C ASP A 64 10.89 -34.14 -3.46
N ASP A 65 9.58 -33.96 -3.64
CA ASP A 65 9.08 -33.13 -4.73
C ASP A 65 9.38 -31.66 -4.52
N SER A 66 9.78 -31.25 -3.32
CA SER A 66 10.18 -29.89 -3.07
C SER A 66 11.39 -29.51 -3.93
N GLY A 67 11.69 -28.22 -3.95
CA GLY A 67 12.84 -27.71 -4.67
C GLY A 67 12.50 -26.68 -5.74
N GLU A 68 13.37 -26.56 -6.74
CA GLU A 68 13.19 -25.61 -7.83
C GLU A 68 12.93 -26.35 -9.13
N TYR A 69 12.01 -25.81 -9.93
CA TYR A 69 11.66 -26.42 -11.21
C TYR A 69 11.86 -25.41 -12.33
N ARG A 70 12.26 -25.92 -13.50
CA ARG A 70 12.42 -25.12 -14.70
C ARG A 70 11.96 -25.94 -15.89
N CYS A 71 11.52 -25.26 -16.94
CA CYS A 71 11.04 -25.94 -18.13
C CYS A 71 11.58 -25.20 -19.36
N GLN A 72 11.47 -25.87 -20.50
CA GLN A 72 12.00 -25.35 -21.76
C GLN A 72 11.34 -26.08 -22.91
N THR A 73 11.18 -25.38 -24.03
CA THR A 73 10.65 -25.97 -25.25
C THR A 73 11.56 -25.59 -26.42
N ASN A 74 11.21 -26.11 -27.60
CA ASN A 74 12.00 -25.81 -28.79
C ASN A 74 12.02 -24.31 -29.07
N LEU A 75 10.90 -23.64 -28.89
CA LEU A 75 10.76 -22.22 -29.22
C LEU A 75 10.96 -21.29 -28.02
N SER A 76 11.03 -21.82 -26.81
CA SER A 76 11.16 -21.02 -25.60
CA SER A 76 11.16 -21.02 -25.60
C SER A 76 12.41 -21.43 -24.85
N THR A 77 13.15 -20.45 -24.36
CA THR A 77 14.41 -20.72 -23.68
C THR A 77 14.17 -21.08 -22.22
N LEU A 78 15.23 -21.56 -21.57
CA LEU A 78 15.13 -22.05 -20.20
C LEU A 78 14.45 -21.03 -19.29
N SER A 79 13.39 -21.47 -18.63
CA SER A 79 12.61 -20.58 -17.79
C SER A 79 13.39 -20.22 -16.53
N ASP A 80 12.87 -19.23 -15.81
CA ASP A 80 13.34 -18.95 -14.47
C ASP A 80 12.84 -20.05 -13.54
N PRO A 81 13.50 -20.26 -12.40
CA PRO A 81 13.06 -21.31 -11.48
C PRO A 81 11.76 -20.93 -10.78
N VAL A 82 10.93 -21.96 -10.54
CA VAL A 82 9.77 -21.85 -9.69
C VAL A 82 9.99 -22.75 -8.48
N GLN A 83 9.69 -22.22 -7.30
CA GLN A 83 9.98 -22.90 -6.04
C GLN A 83 8.75 -23.65 -5.53
N LEU A 84 8.97 -24.86 -5.03
CA LEU A 84 7.90 -25.68 -4.48
C LEU A 84 8.32 -26.17 -3.10
N GLU A 85 7.51 -25.86 -2.09
CA GLU A 85 7.77 -26.23 -0.70
C GLU A 85 6.68 -27.15 -0.21
N VAL A 86 7.06 -28.37 0.16
CA VAL A 86 6.12 -29.34 0.72
C VAL A 86 6.25 -29.31 2.24
N HIS A 87 5.18 -28.89 2.92
CA HIS A 87 5.16 -28.79 4.36
C HIS A 87 4.37 -29.95 4.96
N ILE A 88 4.66 -30.24 6.23
CA ILE A 88 3.95 -31.27 6.99
C ILE A 88 3.59 -30.65 8.33
N GLY A 89 2.29 -30.39 8.54
CA GLY A 89 1.82 -29.78 9.76
C GLY A 89 0.32 -29.59 9.69
N TRP A 90 -0.25 -29.25 10.84
CA TRP A 90 -1.71 -29.10 10.93
C TRP A 90 -2.22 -27.96 10.06
N LEU A 91 -1.43 -26.89 9.92
CA LEU A 91 -1.90 -25.66 9.29
C LEU A 91 -0.78 -25.05 8.46
N LEU A 92 -1.13 -24.45 7.33
CA LEU A 92 -0.17 -23.88 6.41
C LEU A 92 -0.75 -22.64 5.73
N LEU A 93 -0.03 -21.53 5.81
CA LEU A 93 -0.39 -20.35 5.04
C LEU A 93 0.19 -20.47 3.64
N GLN A 94 -0.68 -20.38 2.63
CA GLN A 94 -0.31 -20.58 1.25
C GLN A 94 -0.21 -19.27 0.50
N ALA A 95 0.61 -19.26 -0.55
CA ALA A 95 0.74 -18.10 -1.43
C ALA A 95 1.30 -18.58 -2.76
N PRO A 96 1.10 -17.82 -3.83
CA PRO A 96 1.70 -18.21 -5.12
C PRO A 96 3.17 -17.83 -5.24
N ARG A 97 3.66 -16.96 -4.37
CA ARG A 97 5.03 -16.46 -4.40
C ARG A 97 5.17 -15.58 -3.16
N TRP A 98 6.40 -15.15 -2.88
CA TRP A 98 6.64 -14.23 -1.77
C TRP A 98 7.17 -12.88 -2.22
N VAL A 99 7.40 -12.68 -3.51
CA VAL A 99 7.84 -11.40 -4.05
C VAL A 99 6.73 -10.87 -4.96
N PHE A 100 6.25 -9.68 -4.67
CA PHE A 100 5.21 -9.03 -5.45
C PHE A 100 5.66 -7.63 -5.85
N LYS A 101 5.03 -7.11 -6.89
CA LYS A 101 5.22 -5.72 -7.31
C LYS A 101 3.97 -4.92 -6.96
N GLU A 102 4.16 -3.60 -6.84
CA GLU A 102 3.04 -2.72 -6.56
C GLU A 102 1.92 -2.94 -7.57
N GLU A 103 0.68 -2.93 -7.07
CA GLU A 103 -0.55 -3.09 -7.82
C GLU A 103 -0.85 -4.56 -8.11
N ASP A 104 0.09 -5.48 -7.89
CA ASP A 104 -0.20 -6.89 -8.08
C ASP A 104 -1.24 -7.36 -7.07
N PRO A 105 -2.06 -8.35 -7.44
CA PRO A 105 -2.95 -8.97 -6.45
C PRO A 105 -2.19 -9.92 -5.53
N ILE A 106 -2.61 -9.96 -4.27
CA ILE A 106 -2.04 -10.87 -3.27
C ILE A 106 -3.18 -11.76 -2.79
N HIS A 107 -3.05 -13.05 -3.05
CA HIS A 107 -4.08 -14.04 -2.71
C HIS A 107 -3.45 -15.08 -1.79
N LEU A 108 -3.80 -15.03 -0.50
CA LEU A 108 -3.31 -15.96 0.50
C LEU A 108 -4.43 -16.92 0.91
N ARG A 109 -4.04 -18.11 1.35
CA ARG A 109 -4.99 -19.16 1.72
C ARG A 109 -4.49 -19.89 2.95
N CYS A 110 -5.36 -20.05 3.94
CA CYS A 110 -5.04 -20.78 5.16
C CYS A 110 -5.49 -22.22 4.96
N HIS A 111 -4.54 -23.11 4.72
N HIS A 111 -4.53 -23.11 4.74
CA HIS A 111 -4.81 -24.49 4.38
CA HIS A 111 -4.80 -24.50 4.38
C HIS A 111 -4.59 -25.39 5.59
C HIS A 111 -4.58 -25.39 5.59
N SER A 112 -5.53 -26.30 5.82
CA SER A 112 -5.47 -27.21 6.95
C SER A 112 -5.11 -28.62 6.50
N TRP A 113 -4.58 -29.40 7.43
N TRP A 113 -4.56 -29.38 7.43
CA TRP A 113 -4.29 -30.79 7.14
CA TRP A 113 -4.14 -30.75 7.14
C TRP A 113 -5.54 -31.50 6.64
C TRP A 113 -5.36 -31.60 6.78
N LYS A 114 -5.33 -32.63 5.96
N LYS A 114 -5.25 -32.32 5.66
CA LYS A 114 -6.42 -33.34 5.31
CA LYS A 114 -6.35 -33.11 5.13
C LYS A 114 -7.49 -33.73 6.31
C LYS A 114 -7.61 -32.29 4.91
N ASN A 115 -8.73 -33.36 6.00
N ASN A 115 -7.47 -30.96 4.84
CA ASN A 115 -9.89 -33.74 6.82
CA ASN A 115 -8.60 -30.07 4.65
C ASN A 115 -9.82 -33.13 8.22
C ASN A 115 -9.71 -30.34 5.66
N THR A 116 -9.57 -31.82 8.27
N THR A 116 -9.32 -30.60 6.91
CA THR A 116 -9.50 -31.09 9.54
CA THR A 116 -10.27 -30.83 7.97
C THR A 116 -10.15 -29.71 9.33
C THR A 116 -10.90 -29.50 8.41
N ALA A 117 -11.45 -29.63 9.62
N ALA A 117 -11.75 -29.56 9.42
CA ALA A 117 -12.17 -28.38 9.51
CA ALA A 117 -12.50 -28.37 9.82
C ALA A 117 -11.55 -27.33 10.43
C ALA A 117 -11.59 -27.34 10.47
N LEU A 118 -11.71 -26.08 10.04
CA LEU A 118 -11.06 -24.96 10.69
C LEU A 118 -11.96 -23.74 10.56
N HIS A 119 -12.10 -22.98 11.64
CA HIS A 119 -13.00 -21.84 11.66
C HIS A 119 -12.39 -20.70 12.46
N LYS A 120 -13.03 -19.53 12.39
CA LYS A 120 -12.56 -18.33 13.07
C LYS A 120 -11.09 -18.06 12.71
N VAL A 121 -10.88 -17.80 11.42
CA VAL A 121 -9.55 -17.67 10.86
C VAL A 121 -9.15 -16.22 10.81
N THR A 122 -7.87 -15.96 11.09
CA THR A 122 -7.32 -14.60 11.08
C THR A 122 -6.00 -14.61 10.33
N TYR A 123 -5.85 -13.66 9.41
CA TYR A 123 -4.58 -13.42 8.73
C TYR A 123 -3.88 -12.26 9.45
N LEU A 124 -2.62 -12.45 9.79
CA LEU A 124 -1.85 -11.47 10.54
C LEU A 124 -0.63 -11.00 9.75
N GLN A 125 -0.29 -9.74 9.92
CA GLN A 125 0.86 -9.13 9.27
C GLN A 125 1.72 -8.46 10.34
N ASN A 126 2.96 -8.91 10.48
CA ASN A 126 3.86 -8.35 11.48
C ASN A 126 3.23 -8.40 12.87
N GLY A 127 2.47 -9.45 13.14
CA GLY A 127 1.83 -9.65 14.42
C GLY A 127 0.46 -9.01 14.57
N LYS A 128 0.06 -8.13 13.65
CA LYS A 128 -1.22 -7.44 13.71
C LYS A 128 -2.20 -8.07 12.72
N GLY A 129 -3.42 -8.31 13.18
CA GLY A 129 -4.41 -8.94 12.32
C GLY A 129 -4.83 -8.04 11.18
N ARG A 130 -5.04 -8.64 10.01
CA ARG A 130 -5.46 -7.92 8.81
C ARG A 130 -6.89 -8.20 8.41
N LYS A 131 -7.34 -9.45 8.50
CA LYS A 131 -8.69 -9.80 8.13
C LYS A 131 -9.12 -11.03 8.91
N TYR A 132 -10.40 -11.07 9.26
CA TYR A 132 -10.97 -12.15 10.04
C TYR A 132 -12.17 -12.74 9.30
N PHE A 133 -12.35 -14.05 9.41
CA PHE A 133 -13.48 -14.75 8.82
C PHE A 133 -13.98 -15.78 9.82
N HIS A 134 -15.30 -15.85 10.00
CA HIS A 134 -15.85 -16.86 10.88
C HIS A 134 -15.67 -18.26 10.27
N HIS A 135 -15.94 -18.38 8.98
CA HIS A 135 -15.66 -19.59 8.23
C HIS A 135 -14.41 -19.38 7.39
N ASN A 136 -13.58 -20.42 7.31
CA ASN A 136 -12.28 -20.30 6.65
C ASN A 136 -12.46 -19.83 5.21
N SER A 137 -11.92 -18.65 4.90
CA SER A 137 -11.96 -18.07 3.57
C SER A 137 -10.57 -17.56 3.21
N ASP A 138 -10.37 -17.29 1.92
CA ASP A 138 -9.10 -16.78 1.43
C ASP A 138 -8.99 -15.28 1.66
N PHE A 139 -7.75 -14.81 1.72
CA PHE A 139 -7.44 -13.40 1.93
C PHE A 139 -6.95 -12.80 0.62
N TYR A 140 -7.56 -11.68 0.22
CA TYR A 140 -7.25 -11.03 -1.05
C TYR A 140 -6.80 -9.60 -0.82
N ILE A 141 -5.81 -9.18 -1.59
CA ILE A 141 -5.43 -7.78 -1.69
C ILE A 141 -5.34 -7.47 -3.18
N PRO A 142 -6.39 -6.92 -3.80
CA PRO A 142 -6.32 -6.68 -5.24
C PRO A 142 -5.16 -5.78 -5.65
N LYS A 143 -4.90 -4.71 -4.91
CA LYS A 143 -3.84 -3.75 -5.26
C LYS A 143 -2.79 -3.79 -4.16
N ALA A 144 -1.62 -4.34 -4.48
CA ALA A 144 -0.53 -4.45 -3.51
C ALA A 144 0.18 -3.11 -3.36
N THR A 145 0.57 -2.82 -2.11
CA THR A 145 1.26 -1.58 -1.78
C THR A 145 2.47 -1.90 -0.92
N LEU A 146 3.42 -0.97 -0.90
CA LEU A 146 4.65 -1.17 -0.14
C LEU A 146 4.37 -1.44 1.34
N LYS A 147 3.23 -0.99 1.86
CA LYS A 147 2.91 -1.23 3.25
C LYS A 147 2.48 -2.67 3.52
N ASP A 148 2.19 -3.45 2.47
CA ASP A 148 1.79 -4.84 2.65
C ASP A 148 2.96 -5.75 2.97
N SER A 149 4.20 -5.28 2.83
CA SER A 149 5.36 -6.11 3.11
C SER A 149 5.40 -6.47 4.59
N GLY A 150 5.79 -7.69 4.89
CA GLY A 150 5.94 -8.11 6.27
C GLY A 150 5.82 -9.61 6.42
N SER A 151 5.90 -10.03 7.68
CA SER A 151 5.80 -11.44 8.05
C SER A 151 4.33 -11.80 8.22
N TYR A 152 3.90 -12.86 7.53
CA TYR A 152 2.51 -13.27 7.51
C TYR A 152 2.34 -14.67 8.08
N PHE A 153 1.21 -14.89 8.74
CA PHE A 153 0.78 -16.21 9.16
C PHE A 153 -0.71 -16.16 9.44
N CYS A 154 -1.34 -17.33 9.41
CA CYS A 154 -2.76 -17.44 9.70
C CYS A 154 -2.97 -18.35 10.90
N ARG A 155 -4.03 -18.04 11.67
CA ARG A 155 -4.39 -18.84 12.82
C ARG A 155 -5.90 -19.03 12.84
N GLY A 156 -6.33 -20.19 13.29
CA GLY A 156 -7.74 -20.51 13.36
C GLY A 156 -8.04 -21.42 14.54
N LEU A 157 -9.21 -22.08 14.51
CA LEU A 157 -9.64 -22.94 15.58
C LEU A 157 -9.99 -24.31 15.01
N PHE A 158 -9.32 -25.34 15.51
CA PHE A 158 -9.70 -26.73 15.25
C PHE A 158 -10.67 -27.12 16.36
N GLY A 159 -11.94 -26.74 16.18
CA GLY A 159 -12.89 -26.87 17.25
C GLY A 159 -12.58 -25.89 18.37
N SER A 160 -11.99 -26.40 19.45
CA SER A 160 -11.57 -25.57 20.58
C SER A 160 -10.06 -25.34 20.62
N LYS A 161 -9.30 -25.92 19.71
CA LYS A 161 -7.85 -25.80 19.71
C LYS A 161 -7.42 -24.63 18.84
N ASN A 162 -6.76 -23.65 19.46
CA ASN A 162 -6.27 -22.47 18.78
C ASN A 162 -4.87 -22.75 18.23
N VAL A 163 -4.71 -22.63 16.91
CA VAL A 163 -3.48 -23.01 16.22
C VAL A 163 -3.03 -21.89 15.31
N SER A 164 -1.72 -21.66 15.26
CA SER A 164 -1.11 -20.66 14.39
C SER A 164 -0.16 -21.35 13.41
N SER A 165 -0.20 -20.92 12.16
CA SER A 165 0.66 -21.49 11.14
C SER A 165 2.06 -20.89 11.21
N GLU A 166 2.99 -21.54 10.54
CA GLU A 166 4.34 -21.00 10.42
C GLU A 166 4.30 -19.69 9.63
N THR A 167 5.17 -18.76 10.01
CA THR A 167 5.22 -17.47 9.33
C THR A 167 5.95 -17.59 7.99
N VAL A 168 5.74 -16.58 7.14
CA VAL A 168 6.43 -16.47 5.87
C VAL A 168 6.51 -14.99 5.51
N ASN A 169 7.66 -14.57 4.99
CA ASN A 169 7.90 -13.17 4.71
C ASN A 169 7.54 -12.83 3.27
N ILE A 170 6.77 -11.77 3.11
CA ILE A 170 6.34 -11.27 1.80
C ILE A 170 7.02 -9.92 1.59
N THR A 171 7.41 -9.65 0.35
CA THR A 171 8.06 -8.40 0.00
C THR A 171 7.38 -7.83 -1.23
N ILE A 172 7.04 -6.54 -1.17
CA ILE A 172 6.46 -5.81 -2.29
C ILE A 172 7.50 -4.82 -2.80
N THR A 173 7.74 -4.86 -4.10
CA THR A 173 8.75 -4.03 -4.74
C THR A 173 8.07 -2.99 -5.64
N GLN A 174 8.87 -2.02 -6.08
CA GLN A 174 8.37 -0.96 -6.95
C GLN A 174 7.79 -1.56 -8.23
N GLY A 175 6.81 -0.86 -8.79
CA GLY A 175 6.17 -1.28 -10.03
C GLY A 175 6.82 -0.69 -11.27
N ASP B 4 -29.86 19.04 -1.53
CA ASP B 4 -31.26 19.25 -1.90
C ASP B 4 -31.99 20.12 -0.87
N LEU B 5 -31.39 20.24 0.33
CA LEU B 5 -31.96 21.04 1.41
C LEU B 5 -31.24 22.37 1.55
N PRO B 6 -31.92 23.41 2.03
CA PRO B 6 -31.22 24.71 2.25
C PRO B 6 -30.34 24.67 3.49
N LYS B 7 -29.20 23.99 3.36
CA LYS B 7 -28.30 23.83 4.48
C LYS B 7 -27.63 25.15 4.83
N ALA B 8 -27.59 25.47 6.12
CA ALA B 8 -26.76 26.56 6.57
C ALA B 8 -25.30 26.26 6.27
N VAL B 9 -24.45 27.28 6.40
CA VAL B 9 -23.02 27.14 6.16
C VAL B 9 -22.29 27.89 7.25
N VAL B 10 -21.29 27.24 7.85
CA VAL B 10 -20.38 27.87 8.80
C VAL B 10 -19.12 28.26 8.04
N PHE B 11 -18.72 29.52 8.17
CA PHE B 11 -17.49 30.01 7.58
C PHE B 11 -16.66 30.72 8.65
N LEU B 12 -15.34 30.71 8.45
CA LEU B 12 -14.39 31.17 9.44
C LEU B 12 -13.88 32.56 9.11
N GLU B 13 -13.81 33.42 10.12
CA GLU B 13 -13.21 34.74 10.01
C GLU B 13 -12.16 34.86 11.11
N PRO B 14 -10.85 34.83 10.79
CA PRO B 14 -10.28 34.64 9.45
C PRO B 14 -10.56 33.26 8.88
N GLN B 15 -10.28 33.06 7.58
CA GLN B 15 -10.69 31.86 6.88
C GLN B 15 -9.88 30.63 7.27
N TRP B 16 -8.83 30.80 8.07
CA TRP B 16 -7.92 29.68 8.35
C TRP B 16 -8.61 28.65 9.23
N TYR B 17 -8.64 27.40 8.77
CA TYR B 17 -9.15 26.30 9.58
C TYR B 17 -8.08 25.66 10.43
N ARG B 18 -6.81 25.98 10.18
CA ARG B 18 -5.70 25.60 11.04
C ARG B 18 -5.16 26.86 11.69
N VAL B 19 -5.24 26.93 13.02
CA VAL B 19 -4.85 28.12 13.78
C VAL B 19 -3.97 27.71 14.94
N LEU B 20 -3.21 28.68 15.44
CA LEU B 20 -2.37 28.47 16.62
C LEU B 20 -3.13 28.82 17.89
N GLU B 21 -2.70 28.22 19.00
CA GLU B 21 -3.36 28.46 20.27
C GLU B 21 -3.33 29.95 20.62
N LYS B 22 -4.45 30.43 21.17
CA LYS B 22 -4.67 31.81 21.60
C LYS B 22 -5.13 32.68 20.44
N ASP B 23 -5.06 32.21 19.19
CA ASP B 23 -5.56 32.98 18.07
C ASP B 23 -7.06 33.26 18.23
N SER B 24 -7.53 34.30 17.55
CA SER B 24 -8.94 34.66 17.54
C SER B 24 -9.62 34.04 16.34
N VAL B 25 -10.81 33.48 16.57
CA VAL B 25 -11.62 32.87 15.52
C VAL B 25 -13.07 33.25 15.77
N THR B 26 -13.77 33.68 14.73
CA THR B 26 -15.18 34.01 14.80
C THR B 26 -15.94 33.13 13.82
N LEU B 27 -16.84 32.30 14.34
CA LEU B 27 -17.67 31.45 13.50
C LEU B 27 -19.00 32.13 13.22
N LYS B 28 -19.37 32.19 11.95
CA LYS B 28 -20.60 32.85 11.52
C LYS B 28 -21.46 31.82 10.79
N CYS B 29 -22.77 31.86 11.07
CA CYS B 29 -23.72 30.93 10.49
C CYS B 29 -24.42 31.61 9.31
N GLN B 30 -24.19 31.08 8.11
CA GLN B 30 -24.88 31.55 6.92
C GLN B 30 -26.25 30.89 6.89
N GLY B 31 -27.28 31.64 7.25
CA GLY B 31 -28.63 31.13 7.23
C GLY B 31 -29.62 32.26 7.37
N ALA B 32 -30.85 31.99 6.90
CA ALA B 32 -31.92 32.97 7.01
C ALA B 32 -32.49 32.96 8.43
N TYR B 33 -32.89 34.14 8.90
CA TYR B 33 -33.40 34.31 10.26
C TYR B 33 -34.79 34.92 10.19
N SER B 34 -35.79 34.17 10.63
CA SER B 34 -37.16 34.65 10.65
C SER B 34 -37.44 35.45 11.92
N PRO B 35 -38.39 36.39 11.88
CA PRO B 35 -38.73 37.13 13.10
C PRO B 35 -39.41 36.26 14.15
N GLU B 36 -40.06 35.16 13.75
CA GLU B 36 -40.68 34.27 14.73
C GLU B 36 -39.62 33.54 15.56
N ASP B 37 -38.46 33.24 14.96
CA ASP B 37 -37.38 32.56 15.67
C ASP B 37 -36.07 33.04 15.06
N ASN B 38 -35.43 34.02 15.73
CA ASN B 38 -34.20 34.61 15.25
C ASN B 38 -32.97 34.03 15.93
N SER B 39 -33.09 32.85 16.52
CA SER B 39 -32.00 32.21 17.23
C SER B 39 -31.18 31.34 16.30
N THR B 40 -30.02 30.90 16.80
CA THR B 40 -29.13 30.02 16.07
C THR B 40 -28.78 28.83 16.96
N GLN B 41 -28.80 27.64 16.38
CA GLN B 41 -28.37 26.44 17.08
C GLN B 41 -26.96 26.10 16.62
N TRP B 42 -26.02 26.11 17.56
CA TRP B 42 -24.64 25.76 17.28
C TRP B 42 -24.34 24.38 17.86
N PHE B 43 -23.51 23.62 17.15
CA PHE B 43 -23.13 22.29 17.57
C PHE B 43 -21.62 22.16 17.48
N HIS B 44 -21.01 21.63 18.53
CA HIS B 44 -19.57 21.40 18.59
C HIS B 44 -19.35 19.93 18.90
N ASN B 45 -18.65 19.24 18.00
CA ASN B 45 -18.45 17.79 18.13
C ASN B 45 -19.80 17.09 18.28
N GLU B 46 -20.79 17.57 17.53
CA GLU B 46 -22.13 17.00 17.46
C GLU B 46 -22.95 17.26 18.72
N SER B 47 -22.44 18.04 19.65
CA SER B 47 -23.12 18.34 20.91
C SER B 47 -23.57 19.79 20.91
N LEU B 48 -24.81 20.03 21.33
CA LEU B 48 -25.32 21.39 21.41
C LEU B 48 -24.56 22.18 22.46
N ILE B 49 -24.21 23.42 22.12
CA ILE B 49 -23.57 24.34 23.05
C ILE B 49 -24.55 25.46 23.39
N SER B 50 -24.16 26.30 24.33
CA SER B 50 -25.07 27.28 24.89
C SER B 50 -25.31 28.44 23.94
N SER B 51 -24.28 28.85 23.19
CA SER B 51 -24.38 30.02 22.34
C SER B 51 -25.56 29.89 21.38
N GLN B 52 -26.36 30.96 21.28
CA GLN B 52 -27.52 31.00 20.41
C GLN B 52 -27.47 32.11 19.38
N ALA B 53 -26.38 32.88 19.31
CA ALA B 53 -26.29 33.99 18.39
C ALA B 53 -25.89 33.52 17.00
N SER B 54 -26.15 34.39 16.01
CA SER B 54 -25.78 34.07 14.64
C SER B 54 -24.28 33.95 14.46
N SER B 55 -23.49 34.52 15.37
CA SER B 55 -22.04 34.41 15.35
C SER B 55 -21.57 33.81 16.67
N TYR B 56 -20.48 33.07 16.60
CA TYR B 56 -19.88 32.41 17.77
C TYR B 56 -18.43 32.85 17.85
N PHE B 57 -18.12 33.62 18.90
CA PHE B 57 -16.81 34.24 19.05
C PHE B 57 -15.88 33.37 19.88
N ILE B 58 -14.62 33.29 19.45
CA ILE B 58 -13.57 32.61 20.21
C ILE B 58 -12.45 33.65 20.37
N ASP B 59 -12.41 34.31 21.53
CA ASP B 59 -11.40 35.33 21.78
C ASP B 59 -9.99 34.74 21.67
N ALA B 60 -9.72 33.70 22.46
CA ALA B 60 -8.42 33.02 22.43
C ALA B 60 -8.68 31.53 22.26
N ALA B 61 -8.30 31.00 21.10
CA ALA B 61 -8.61 29.61 20.78
C ALA B 61 -7.74 28.67 21.60
N THR B 62 -8.35 27.59 22.09
CA THR B 62 -7.66 26.53 22.80
C THR B 62 -7.93 25.20 22.14
N VAL B 63 -7.12 24.20 22.51
CA VAL B 63 -7.24 22.88 21.89
C VAL B 63 -8.63 22.30 22.10
N ASP B 64 -9.30 22.69 23.18
CA ASP B 64 -10.66 22.20 23.41
C ASP B 64 -11.63 22.77 22.41
N ASP B 65 -11.36 23.99 21.91
CA ASP B 65 -12.19 24.58 20.87
C ASP B 65 -12.03 23.88 19.53
N SER B 66 -11.02 23.02 19.38
CA SER B 66 -10.84 22.25 18.17
C SER B 66 -12.03 21.31 17.96
N GLY B 67 -12.08 20.70 16.77
CA GLY B 67 -13.12 19.74 16.45
C GLY B 67 -13.93 20.15 15.24
N GLU B 68 -15.17 19.65 15.16
CA GLU B 68 -16.07 19.95 14.05
C GLU B 68 -17.21 20.81 14.58
N TYR B 69 -17.61 21.79 13.77
CA TYR B 69 -18.68 22.71 14.13
C TYR B 69 -19.78 22.66 13.08
N ARG B 70 -21.02 22.83 13.56
CA ARG B 70 -22.19 22.91 12.71
C ARG B 70 -23.14 23.93 13.31
N CYS B 71 -23.95 24.55 12.46
CA CYS B 71 -24.89 25.56 12.90
C CYS B 71 -26.22 25.35 12.19
N GLN B 72 -27.25 26.01 12.71
CA GLN B 72 -28.59 25.85 12.19
C GLN B 72 -29.45 27.03 12.62
N THR B 73 -30.41 27.38 11.78
CA THR B 73 -31.37 28.43 12.05
C THR B 73 -32.77 27.90 11.76
N ASN B 74 -33.78 28.74 11.99
CA ASN B 74 -35.16 28.32 11.77
C ASN B 74 -35.40 27.94 10.32
N LEU B 75 -34.86 28.72 9.39
CA LEU B 75 -35.11 28.52 7.96
C LEU B 75 -34.02 27.73 7.26
N SER B 76 -32.92 27.42 7.93
CA SER B 76 -31.82 26.66 7.35
CA SER B 76 -31.82 26.66 7.35
C SER B 76 -31.62 25.37 8.14
N THR B 77 -31.36 24.28 7.43
CA THR B 77 -31.15 23.00 8.06
C THR B 77 -29.69 22.86 8.51
N LEU B 78 -29.43 21.82 9.30
CA LEU B 78 -28.11 21.63 9.88
C LEU B 78 -27.04 21.68 8.80
N SER B 79 -26.05 22.55 9.01
CA SER B 79 -24.99 22.74 8.04
C SER B 79 -24.09 21.52 7.98
N ASP B 80 -23.22 21.50 6.97
CA ASP B 80 -22.15 20.51 6.93
C ASP B 80 -21.12 20.84 8.00
N PRO B 81 -20.34 19.85 8.43
CA PRO B 81 -19.34 20.12 9.48
C PRO B 81 -18.20 20.97 8.93
N VAL B 82 -17.69 21.85 9.78
CA VAL B 82 -16.48 22.62 9.50
C VAL B 82 -15.42 22.18 10.49
N GLN B 83 -14.21 21.95 10.00
CA GLN B 83 -13.13 21.43 10.81
C GLN B 83 -12.26 22.59 11.30
N LEU B 84 -11.91 22.54 12.58
CA LEU B 84 -11.07 23.56 13.19
C LEU B 84 -9.95 22.87 13.95
N GLU B 85 -8.70 23.19 13.60
CA GLU B 85 -7.53 22.58 14.22
C GLU B 85 -6.74 23.65 14.93
N VAL B 86 -6.62 23.52 16.25
CA VAL B 86 -5.83 24.42 17.07
C VAL B 86 -4.47 23.76 17.27
N HIS B 87 -3.43 24.36 16.71
CA HIS B 87 -2.08 23.83 16.78
C HIS B 87 -1.24 24.59 17.81
N ILE B 88 -0.20 23.93 18.29
CA ILE B 88 0.75 24.52 19.22
C ILE B 88 2.15 24.19 18.70
N GLY B 89 2.85 25.19 18.21
CA GLY B 89 4.19 25.00 17.67
C GLY B 89 4.72 26.31 17.15
N TRP B 90 6.03 26.32 16.85
CA TRP B 90 6.67 27.54 16.43
C TRP B 90 6.12 28.05 15.10
N LEU B 91 5.72 27.15 14.21
CA LEU B 91 5.32 27.52 12.86
C LEU B 91 4.14 26.66 12.41
N LEU B 92 3.25 27.27 11.63
CA LEU B 92 2.04 26.60 11.17
C LEU B 92 1.68 27.12 9.78
N LEU B 93 1.50 26.19 8.84
CA LEU B 93 0.98 26.54 7.53
C LEU B 93 -0.54 26.55 7.58
N GLN B 94 -1.14 27.67 7.18
CA GLN B 94 -2.58 27.86 7.28
C GLN B 94 -3.22 27.71 5.90
N ALA B 95 -4.50 27.34 5.91
CA ALA B 95 -5.28 27.23 4.70
C ALA B 95 -6.76 27.31 5.08
N PRO B 96 -7.64 27.67 4.14
CA PRO B 96 -9.07 27.66 4.43
C PRO B 96 -9.69 26.28 4.35
N ARG B 97 -8.99 25.32 3.74
CA ARG B 97 -9.48 23.96 3.55
C ARG B 97 -8.35 23.18 2.90
N TRP B 98 -8.55 21.86 2.79
CA TRP B 98 -7.60 21.01 2.10
C TRP B 98 -8.18 20.34 0.87
N VAL B 99 -9.46 20.58 0.58
CA VAL B 99 -10.11 20.06 -0.63
C VAL B 99 -10.50 21.26 -1.48
N PHE B 100 -10.01 21.31 -2.71
CA PHE B 100 -10.30 22.39 -3.63
C PHE B 100 -10.80 21.83 -4.96
N LYS B 101 -11.47 22.68 -5.71
CA LYS B 101 -11.93 22.38 -7.06
C LYS B 101 -11.06 23.10 -8.08
N GLU B 102 -11.06 22.56 -9.31
CA GLU B 102 -10.32 23.18 -10.39
C GLU B 102 -10.70 24.64 -10.53
N GLU B 103 -9.70 25.50 -10.74
CA GLU B 103 -9.84 26.93 -10.94
C GLU B 103 -10.03 27.68 -9.61
N ASP B 104 -10.24 26.99 -8.49
CA ASP B 104 -10.42 27.67 -7.23
C ASP B 104 -9.15 28.44 -6.84
N PRO B 105 -9.28 29.55 -6.12
CA PRO B 105 -8.09 30.20 -5.57
C PRO B 105 -7.56 29.45 -4.36
N ILE B 106 -6.24 29.42 -4.25
CA ILE B 106 -5.55 28.78 -3.12
C ILE B 106 -4.73 29.86 -2.42
N HIS B 107 -5.09 30.15 -1.17
CA HIS B 107 -4.42 31.18 -0.38
C HIS B 107 -3.87 30.51 0.88
N LEU B 108 -2.55 30.34 0.91
CA LEU B 108 -1.86 29.75 2.05
C LEU B 108 -1.08 30.82 2.80
N ARG B 109 -0.87 30.59 4.09
CA ARG B 109 -0.18 31.56 4.95
C ARG B 109 0.73 30.81 5.91
N CYS B 110 1.98 31.28 6.02
CA CYS B 110 2.95 30.71 6.96
C CYS B 110 2.88 31.53 8.24
N HIS B 111 2.09 31.07 9.20
CA HIS B 111 1.85 31.78 10.43
C HIS B 111 2.82 31.30 11.51
N SER B 112 3.49 32.24 12.17
CA SER B 112 4.47 31.92 13.20
C SER B 112 3.92 32.21 14.58
N TRP B 113 4.58 31.63 15.58
CA TRP B 113 4.15 31.78 16.97
C TRP B 113 4.27 33.23 17.41
N LYS B 114 3.14 33.82 17.80
CA LYS B 114 3.08 35.19 18.29
C LYS B 114 3.39 36.23 17.21
N ASN B 115 3.26 35.84 15.94
CA ASN B 115 3.48 36.77 14.81
C ASN B 115 4.87 37.40 14.87
N THR B 116 5.86 36.60 15.27
CA THR B 116 7.23 37.08 15.30
C THR B 116 7.74 37.34 13.87
N ALA B 117 8.90 37.98 13.79
CA ALA B 117 9.50 38.34 12.50
C ALA B 117 9.71 37.10 11.63
N LYS B 120 12.62 35.40 5.81
CA LYS B 120 13.19 34.46 4.83
C LYS B 120 12.36 33.18 4.78
N VAL B 121 11.11 33.31 4.37
CA VAL B 121 10.16 32.20 4.37
C VAL B 121 10.11 31.58 2.98
N THR B 122 9.99 30.26 2.94
CA THR B 122 9.92 29.51 1.68
C THR B 122 8.80 28.49 1.78
N TYR B 123 7.95 28.43 0.76
CA TYR B 123 6.90 27.42 0.66
C TYR B 123 7.38 26.27 -0.22
N LEU B 124 7.25 25.05 0.27
CA LEU B 124 7.71 23.85 -0.43
C LEU B 124 6.53 22.92 -0.66
N GLN B 125 6.53 22.24 -1.81
CA GLN B 125 5.50 21.28 -2.17
C GLN B 125 6.17 19.97 -2.55
N ASN B 126 5.87 18.91 -1.81
CA ASN B 126 6.46 17.59 -2.07
C ASN B 126 7.98 17.68 -2.10
N GLY B 127 8.55 18.57 -1.27
CA GLY B 127 9.98 18.77 -1.21
C GLY B 127 10.51 19.78 -2.21
N LYS B 128 9.71 20.21 -3.18
CA LYS B 128 10.14 21.16 -4.20
C LYS B 128 9.56 22.53 -3.90
N GLY B 129 10.40 23.56 -3.97
CA GLY B 129 9.95 24.91 -3.68
C GLY B 129 9.02 25.45 -4.75
N ARG B 130 8.02 26.22 -4.31
CA ARG B 130 7.06 26.86 -5.20
C ARG B 130 7.20 28.37 -5.24
N LYS B 131 7.46 29.01 -4.10
CA LYS B 131 7.60 30.46 -4.05
C LYS B 131 8.49 30.83 -2.88
N TYR B 132 9.29 31.88 -3.06
CA TYR B 132 10.21 32.37 -2.06
C TYR B 132 9.95 33.85 -1.80
N PHE B 133 10.14 34.25 -0.55
CA PHE B 133 9.93 35.64 -0.15
C PHE B 133 11.05 36.07 0.79
N HIS B 134 11.61 37.25 0.54
CA HIS B 134 12.64 37.82 1.41
C HIS B 134 12.04 38.24 2.75
N ASN B 136 8.27 37.32 5.27
CA ASN B 136 7.19 36.35 5.30
C ASN B 136 5.93 36.95 4.68
N SER B 137 5.47 36.35 3.58
CA SER B 137 4.28 36.79 2.89
C SER B 137 3.42 35.57 2.55
N ASP B 138 2.16 35.83 2.17
CA ASP B 138 1.25 34.77 1.82
C ASP B 138 1.47 34.31 0.38
N PHE B 139 1.07 33.07 0.10
CA PHE B 139 1.21 32.46 -1.21
C PHE B 139 -0.16 32.40 -1.87
N TYR B 140 -0.24 32.85 -3.11
CA TYR B 140 -1.49 32.90 -3.86
C TYR B 140 -1.37 32.08 -5.13
N ILE B 141 -2.45 31.37 -5.46
CA ILE B 141 -2.59 30.70 -6.74
C ILE B 141 -3.96 31.06 -7.30
N PRO B 142 -4.07 32.05 -8.19
CA PRO B 142 -5.41 32.44 -8.67
C PRO B 142 -6.17 31.29 -9.32
N LYS B 143 -5.52 30.48 -10.14
CA LYS B 143 -6.16 29.38 -10.85
C LYS B 143 -5.54 28.08 -10.37
N ALA B 144 -6.32 27.29 -9.62
CA ALA B 144 -5.84 26.01 -9.12
C ALA B 144 -5.90 24.97 -10.23
N THR B 145 -4.89 24.09 -10.25
CA THR B 145 -4.79 23.05 -11.26
C THR B 145 -4.53 21.71 -10.58
N LEU B 146 -4.87 20.64 -11.30
CA LEU B 146 -4.71 19.29 -10.76
C LEU B 146 -3.27 18.99 -10.36
N LYS B 147 -2.30 19.67 -10.97
CA LYS B 147 -0.89 19.45 -10.64
C LYS B 147 -0.50 20.06 -9.30
N ASP B 148 -1.33 20.92 -8.72
CA ASP B 148 -1.03 21.55 -7.45
C ASP B 148 -1.22 20.63 -6.26
N SER B 149 -1.87 19.48 -6.44
CA SER B 149 -2.11 18.56 -5.33
C SER B 149 -0.80 18.01 -4.79
N GLY B 150 -0.72 17.88 -3.47
CA GLY B 150 0.46 17.33 -2.83
C GLY B 150 0.56 17.79 -1.40
N SER B 151 1.65 17.36 -0.76
CA SER B 151 1.94 17.71 0.62
C SER B 151 2.67 19.04 0.67
N TYR B 152 2.15 19.97 1.47
CA TYR B 152 2.68 21.32 1.55
C TYR B 152 3.20 21.62 2.95
N PHE B 153 4.25 22.43 3.02
CA PHE B 153 4.76 22.94 4.27
C PHE B 153 5.62 24.16 3.98
N CYS B 154 5.78 25.02 4.98
CA CYS B 154 6.61 26.21 4.87
C CYS B 154 7.71 26.16 5.92
N ARG B 155 8.88 26.70 5.55
CA ARG B 155 10.02 26.79 6.43
C ARG B 155 10.68 28.15 6.27
N GLY B 156 11.19 28.69 7.37
CA GLY B 156 11.83 29.98 7.36
C GLY B 156 12.97 30.06 8.35
N LEU B 157 13.39 31.29 8.68
CA LEU B 157 14.49 31.50 9.62
C LEU B 157 14.02 32.44 10.72
N PHE B 158 14.03 31.94 11.97
CA PHE B 158 13.81 32.78 13.14
C PHE B 158 15.18 33.32 13.57
N GLY B 159 15.61 34.38 12.89
CA GLY B 159 16.96 34.87 13.03
C GLY B 159 17.95 33.90 12.41
N SER B 160 18.65 33.15 13.25
CA SER B 160 19.59 32.13 12.79
C SER B 160 19.04 30.72 12.92
N LYS B 161 17.85 30.56 13.49
CA LYS B 161 17.25 29.25 13.70
C LYS B 161 16.36 28.90 12.52
N ASN B 162 16.66 27.80 11.85
CA ASN B 162 15.87 27.34 10.71
C ASN B 162 14.79 26.39 11.22
N VAL B 163 13.53 26.72 10.93
CA VAL B 163 12.39 25.97 11.43
C VAL B 163 11.47 25.64 10.27
N SER B 164 10.92 24.43 10.28
CA SER B 164 10.01 23.94 9.26
C SER B 164 8.66 23.62 9.89
N SER B 165 7.58 24.00 9.19
CA SER B 165 6.23 23.79 9.71
C SER B 165 5.76 22.36 9.44
N GLU B 166 4.69 21.98 10.14
CA GLU B 166 4.05 20.69 9.90
C GLU B 166 3.47 20.62 8.51
N THR B 167 3.50 19.43 7.91
CA THR B 167 2.98 19.24 6.57
C THR B 167 1.45 19.11 6.61
N VAL B 168 0.84 19.29 5.45
CA VAL B 168 -0.59 19.10 5.28
C VAL B 168 -0.85 18.77 3.82
N ASN B 169 -1.73 17.81 3.59
CA ASN B 169 -2.01 17.33 2.23
C ASN B 169 -3.20 18.08 1.65
N ILE B 170 -3.01 18.62 0.44
CA ILE B 170 -4.04 19.35 -0.29
C ILE B 170 -4.40 18.53 -1.52
N THR B 171 -5.69 18.53 -1.87
CA THR B 171 -6.19 17.79 -3.03
C THR B 171 -7.08 18.68 -3.85
N ILE B 172 -6.86 18.69 -5.16
CA ILE B 172 -7.69 19.44 -6.11
C ILE B 172 -8.50 18.43 -6.91
N THR B 173 -9.82 18.63 -6.95
CA THR B 173 -10.72 17.71 -7.62
C THR B 173 -11.32 18.35 -8.87
N GLN B 174 -11.94 17.52 -9.69
CA GLN B 174 -12.57 17.97 -10.92
C GLN B 174 -13.65 19.01 -10.63
N SER C 13 -12.72 3.46 -11.21
CA SER C 13 -11.45 3.55 -10.52
C SER C 13 -10.90 2.16 -10.18
N LEU C 14 -9.65 2.11 -9.75
CA LEU C 14 -9.03 0.83 -9.42
C LEU C 14 -9.65 0.21 -8.18
N GLU C 15 -10.08 1.04 -7.24
CA GLU C 15 -10.67 0.61 -5.98
C GLU C 15 -11.94 -0.21 -6.15
N ILE C 16 -12.56 -0.21 -7.33
CA ILE C 16 -13.89 -0.82 -7.49
C ILE C 16 -13.85 -2.30 -7.07
N GLU C 17 -12.87 -3.05 -7.52
CA GLU C 17 -12.85 -4.47 -7.17
C GLU C 17 -12.75 -4.66 -5.66
N GLU C 18 -11.90 -3.88 -5.00
CA GLU C 18 -11.79 -3.97 -3.54
C GLU C 18 -13.12 -3.65 -2.89
N LEU C 19 -13.83 -2.64 -3.40
CA LEU C 19 -15.13 -2.26 -2.84
C LEU C 19 -16.16 -3.36 -3.02
N ALA C 20 -16.15 -4.02 -4.18
CA ALA C 20 -17.08 -5.12 -4.43
C ALA C 20 -16.84 -6.27 -3.47
N ARG C 21 -15.56 -6.63 -3.26
CA ARG C 21 -15.24 -7.68 -2.31
C ARG C 21 -15.61 -7.26 -0.89
N PHE C 22 -15.36 -5.99 -0.55
CA PHE C 22 -15.78 -5.48 0.76
C PHE C 22 -17.27 -5.61 0.94
N ALA C 23 -18.05 -5.26 -0.09
CA ALA C 23 -19.50 -5.38 -0.01
C ALA C 23 -19.93 -6.81 0.27
N VAL C 24 -19.29 -7.78 -0.40
CA VAL C 24 -19.65 -9.18 -0.18
C VAL C 24 -19.23 -9.62 1.21
N ASP C 25 -18.03 -9.25 1.64
CA ASP C 25 -17.54 -9.66 2.95
C ASP C 25 -18.42 -9.11 4.06
N GLU C 26 -18.89 -7.86 3.92
CA GLU C 26 -19.73 -7.27 4.95
C GLU C 26 -21.10 -7.94 4.98
N HIS C 27 -21.68 -8.21 3.81
CA HIS C 27 -22.96 -8.91 3.74
C HIS C 27 -22.90 -10.25 4.46
N ASN C 28 -21.88 -11.06 4.14
CA ASN C 28 -21.73 -12.35 4.79
C ASN C 28 -21.61 -12.20 6.31
N LYS C 29 -20.92 -11.16 6.77
CA LYS C 29 -20.69 -11.00 8.20
C LYS C 29 -22.00 -10.73 8.94
N LYS C 30 -22.79 -9.77 8.48
CA LYS C 30 -23.98 -9.36 9.20
C LYS C 30 -25.14 -10.31 8.96
N GLU C 31 -25.30 -10.80 7.73
CA GLU C 31 -26.39 -11.72 7.40
C GLU C 31 -25.99 -13.18 7.58
N ASN C 32 -24.78 -13.45 8.06
CA ASN C 32 -24.30 -14.81 8.28
C ASN C 32 -24.47 -15.67 7.03
N ALA C 33 -24.02 -15.13 5.91
CA ALA C 33 -24.12 -15.78 4.61
C ALA C 33 -22.74 -16.22 4.14
N LEU C 34 -22.73 -16.96 3.03
CA LEU C 34 -21.50 -17.49 2.44
C LEU C 34 -21.55 -17.25 0.93
N LEU C 35 -21.47 -15.98 0.53
CA LEU C 35 -21.43 -15.63 -0.88
C LEU C 35 -19.97 -15.51 -1.31
N GLU C 36 -19.68 -16.01 -2.51
CA GLU C 36 -18.33 -16.00 -3.06
C GLU C 36 -18.29 -14.99 -4.19
N PHE C 37 -17.54 -13.92 -4.01
CA PHE C 37 -17.39 -12.91 -5.06
C PHE C 37 -16.81 -13.56 -6.31
N VAL C 38 -17.25 -13.08 -7.47
CA VAL C 38 -16.74 -13.55 -8.75
C VAL C 38 -16.18 -12.37 -9.53
N ARG C 39 -17.02 -11.38 -9.81
CA ARG C 39 -16.62 -10.29 -10.69
C ARG C 39 -17.55 -9.09 -10.51
N VAL C 40 -17.04 -7.93 -10.88
CA VAL C 40 -17.84 -6.72 -10.98
C VAL C 40 -18.33 -6.59 -12.41
N VAL C 41 -19.60 -6.23 -12.57
CA VAL C 41 -20.20 -6.10 -13.89
C VAL C 41 -20.69 -4.69 -14.18
N LYS C 42 -20.84 -3.83 -13.18
CA LYS C 42 -21.26 -2.45 -13.41
C LYS C 42 -20.87 -1.61 -12.21
N ALA C 43 -20.46 -0.37 -12.46
CA ALA C 43 -20.01 0.52 -11.40
C ALA C 43 -20.42 1.95 -11.74
N LYS C 44 -21.16 2.58 -10.83
CA LYS C 44 -21.54 3.98 -10.95
C LYS C 44 -21.07 4.73 -9.71
N GLU C 45 -20.43 5.88 -9.93
CA GLU C 45 -19.87 6.67 -8.85
C GLU C 45 -20.62 7.99 -8.72
N GLN C 46 -20.73 8.48 -7.48
CA GLN C 46 -21.33 9.78 -7.20
C GLN C 46 -20.48 10.47 -6.14
N ALA C 47 -19.58 11.33 -6.58
CA ALA C 47 -18.73 12.07 -5.65
C ALA C 47 -19.57 13.00 -4.78
N MET C 48 -19.16 13.14 -3.52
CA MET C 48 -19.86 14.00 -2.56
C MET C 48 -18.82 14.66 -1.64
N ASN C 49 -17.86 15.35 -2.25
CA ASN C 49 -16.78 15.97 -1.51
C ASN C 49 -17.25 17.25 -0.83
N THR C 50 -16.47 17.69 0.15
CA THR C 50 -16.62 19.00 0.77
C THR C 50 -15.22 19.61 0.91
N GLY C 51 -15.14 20.75 1.60
CA GLY C 51 -13.85 21.35 1.86
C GLY C 51 -12.96 20.54 2.78
N PHE C 52 -13.54 19.57 3.52
CA PHE C 52 -12.80 18.85 4.53
C PHE C 52 -12.98 17.33 4.43
N THR C 53 -13.41 16.82 3.27
CA THR C 53 -13.50 15.38 3.09
C THR C 53 -13.56 15.04 1.61
N LEU C 54 -12.85 13.99 1.23
CA LEU C 54 -12.99 13.37 -0.08
C LEU C 54 -13.83 12.12 0.07
N ALA C 55 -15.07 12.17 -0.41
CA ALA C 55 -16.02 11.08 -0.24
C ALA C 55 -16.71 10.78 -1.56
N THR C 56 -17.09 9.51 -1.72
CA THR C 56 -17.76 9.05 -2.93
C THR C 56 -18.72 7.94 -2.56
N MET C 57 -19.91 7.97 -3.16
CA MET C 57 -20.89 6.90 -3.03
C MET C 57 -20.83 6.01 -4.26
N TYR C 58 -20.62 4.72 -4.06
CA TYR C 58 -20.45 3.76 -5.14
C TYR C 58 -21.69 2.90 -5.28
N TYR C 59 -22.22 2.82 -6.50
CA TYR C 59 -23.33 1.92 -6.84
C TYR C 59 -22.76 0.81 -7.73
N LEU C 60 -22.65 -0.39 -7.18
CA LEU C 60 -21.97 -1.50 -7.83
C LEU C 60 -22.96 -2.63 -8.11
N THR C 61 -22.84 -3.22 -9.29
CA THR C 61 -23.49 -4.48 -9.59
C THR C 61 -22.41 -5.54 -9.72
N LEU C 62 -22.51 -6.58 -8.91
CA LEU C 62 -21.50 -7.62 -8.85
C LEU C 62 -22.16 -8.99 -8.94
N GLU C 63 -21.35 -9.98 -9.29
CA GLU C 63 -21.79 -11.36 -9.38
C GLU C 63 -21.12 -12.17 -8.27
N ALA C 64 -21.92 -12.95 -7.54
CA ALA C 64 -21.41 -13.80 -6.47
C ALA C 64 -22.12 -15.14 -6.50
N LYS C 65 -21.42 -16.17 -6.03
CA LYS C 65 -21.97 -17.53 -6.00
C LYS C 65 -22.73 -17.73 -4.70
N ASP C 66 -24.04 -17.98 -4.81
CA ASP C 66 -24.89 -18.34 -3.69
C ASP C 66 -25.14 -19.84 -3.76
N GLY C 67 -24.42 -20.60 -2.94
CA GLY C 67 -24.54 -22.05 -2.98
C GLY C 67 -24.17 -22.65 -4.31
N GLY C 68 -23.11 -22.12 -4.94
CA GLY C 68 -22.66 -22.60 -6.22
C GLY C 68 -23.28 -21.93 -7.42
N LYS C 69 -24.48 -21.36 -7.28
CA LYS C 69 -25.16 -20.71 -8.39
C LYS C 69 -24.77 -19.24 -8.45
N LYS C 70 -24.37 -18.79 -9.63
CA LYS C 70 -24.03 -17.38 -9.81
C LYS C 70 -25.29 -16.53 -9.84
N LYS C 71 -25.28 -15.45 -9.07
CA LYS C 71 -26.38 -14.49 -9.03
C LYS C 71 -25.80 -13.09 -9.04
N LEU C 72 -26.60 -12.13 -9.51
CA LEU C 72 -26.21 -10.73 -9.55
C LEU C 72 -26.75 -10.01 -8.34
N TYR C 73 -25.94 -9.11 -7.79
CA TYR C 73 -26.29 -8.32 -6.62
C TYR C 73 -25.94 -6.86 -6.84
N GLU C 74 -26.74 -5.97 -6.26
CA GLU C 74 -26.47 -4.53 -6.26
C GLU C 74 -26.00 -4.11 -4.87
N ALA C 75 -24.89 -3.39 -4.81
CA ALA C 75 -24.30 -2.97 -3.56
C ALA C 75 -24.12 -1.45 -3.57
N LYS C 76 -24.41 -0.82 -2.44
CA LYS C 76 -24.22 0.62 -2.24
C LYS C 76 -23.16 0.79 -1.16
N VAL C 77 -22.00 1.34 -1.54
CA VAL C 77 -20.85 1.43 -0.67
C VAL C 77 -20.48 2.90 -0.50
N TRP C 78 -20.28 3.32 0.74
CA TRP C 78 -19.95 4.70 1.10
C TRP C 78 -18.49 4.75 1.53
N VAL C 79 -17.69 5.58 0.87
CA VAL C 79 -16.27 5.72 1.16
C VAL C 79 -16.00 7.18 1.51
N LYS C 80 -15.35 7.40 2.65
CA LYS C 80 -15.15 8.74 3.20
C LYS C 80 -13.71 8.89 3.64
N ASN C 81 -13.05 9.94 3.16
CA ASN C 81 -11.67 10.25 3.51
C ASN C 81 -11.65 11.61 4.19
N THR C 82 -11.17 11.65 5.42
CA THR C 82 -11.03 12.89 6.18
C THR C 82 -9.58 13.06 6.62
N GLN C 83 -9.24 14.29 7.00
CA GLN C 83 -7.89 14.63 7.43
C GLN C 83 -7.94 15.35 8.77
N TRP C 84 -7.03 14.97 9.67
CA TRP C 84 -6.84 15.66 10.93
C TRP C 84 -5.36 16.01 11.06
N HIS C 85 -5.06 17.31 11.07
CA HIS C 85 -3.67 17.76 10.98
C HIS C 85 -3.06 17.22 9.69
N ASN C 86 -2.30 16.12 9.79
CA ASN C 86 -1.75 15.45 8.63
C ASN C 86 -2.08 13.97 8.59
N ALA C 87 -3.01 13.50 9.40
CA ALA C 87 -3.40 12.10 9.44
C ALA C 87 -4.65 11.89 8.60
N MET C 88 -4.57 10.97 7.64
CA MET C 88 -5.71 10.63 6.81
C MET C 88 -6.47 9.47 7.43
N THR C 89 -7.79 9.51 7.33
CA THR C 89 -8.66 8.45 7.82
C THR C 89 -9.59 8.02 6.71
N ASN C 90 -9.53 6.74 6.34
CA ASN C 90 -10.42 6.16 5.35
C ASN C 90 -11.51 5.35 6.03
N PHE C 91 -12.75 5.61 5.67
CA PHE C 91 -13.90 4.94 6.26
C PHE C 91 -14.75 4.34 5.16
N LYS C 92 -15.05 3.05 5.27
CA LYS C 92 -15.90 2.34 4.33
C LYS C 92 -17.10 1.77 5.06
N GLU C 93 -18.24 1.76 4.38
CA GLU C 93 -19.48 1.28 4.98
C GLU C 93 -20.41 0.76 3.89
N LEU C 94 -20.92 -0.45 4.10
CA LEU C 94 -21.94 -1.01 3.23
C LEU C 94 -23.30 -0.51 3.68
N GLN C 95 -23.99 0.21 2.80
CA GLN C 95 -25.29 0.78 3.14
C GLN C 95 -26.45 0.01 2.54
N GLU C 96 -26.23 -0.78 1.49
CA GLU C 96 -27.29 -1.56 0.89
C GLU C 96 -26.68 -2.69 0.07
N PHE C 97 -27.31 -3.86 0.15
CA PHE C 97 -26.87 -5.06 -0.57
C PHE C 97 -28.10 -5.92 -0.82
N LYS C 98 -28.51 -6.04 -2.08
CA LYS C 98 -29.70 -6.79 -2.43
C LYS C 98 -29.49 -7.53 -3.74
N PRO C 99 -30.20 -8.66 -3.95
CA PRO C 99 -30.10 -9.36 -5.24
C PRO C 99 -30.86 -8.62 -6.33
N VAL C 100 -30.82 -9.15 -7.56
CA VAL C 100 -31.56 -8.57 -8.67
C VAL C 100 -32.64 -9.54 -9.13
N GLU D 11 26.63 5.05 -3.98
CA GLU D 11 27.99 5.11 -4.52
C GLU D 11 29.02 5.18 -3.40
N ASN D 12 28.70 5.95 -2.35
CA ASN D 12 29.59 6.14 -1.21
C ASN D 12 28.96 5.63 0.08
N SER D 13 28.05 4.68 -0.02
CA SER D 13 27.40 4.09 1.15
C SER D 13 28.21 2.88 1.63
N LEU D 14 27.86 2.40 2.83
CA LEU D 14 28.58 1.26 3.39
C LEU D 14 28.27 -0.01 2.62
N GLU D 15 27.03 -0.16 2.14
CA GLU D 15 26.69 -1.38 1.40
C GLU D 15 27.50 -1.48 0.13
N ILE D 16 27.79 -0.35 -0.52
CA ILE D 16 28.59 -0.37 -1.74
C ILE D 16 30.02 -0.78 -1.43
N GLU D 17 30.59 -0.18 -0.38
CA GLU D 17 31.98 -0.46 -0.03
C GLU D 17 32.19 -1.93 0.31
N GLU D 18 31.26 -2.51 1.09
CA GLU D 18 31.40 -3.93 1.43
C GLU D 18 31.43 -4.79 0.18
N LEU D 19 30.57 -4.47 -0.81
CA LEU D 19 30.58 -5.23 -2.06
C LEU D 19 31.91 -5.03 -2.81
N ALA D 20 32.42 -3.80 -2.82
CA ALA D 20 33.70 -3.54 -3.49
C ALA D 20 34.83 -4.28 -2.80
N ARG D 21 34.86 -4.27 -1.47
CA ARG D 21 35.89 -5.01 -0.75
C ARG D 21 35.72 -6.51 -0.98
N PHE D 22 34.47 -7.00 -0.98
CA PHE D 22 34.21 -8.39 -1.31
C PHE D 22 34.71 -8.73 -2.70
N ALA D 23 34.47 -7.84 -3.67
CA ALA D 23 34.96 -8.07 -5.03
C ALA D 23 36.48 -8.19 -5.04
N VAL D 24 37.17 -7.32 -4.30
CA VAL D 24 38.63 -7.37 -4.26
C VAL D 24 39.11 -8.62 -3.55
N ASP D 25 38.48 -8.97 -2.43
CA ASP D 25 38.88 -10.16 -1.70
C ASP D 25 38.70 -11.42 -2.55
N GLU D 26 37.61 -11.48 -3.32
CA GLU D 26 37.37 -12.64 -4.17
C GLU D 26 38.33 -12.68 -5.35
N HIS D 27 38.56 -11.52 -5.96
CA HIS D 27 39.51 -11.44 -7.08
C HIS D 27 40.88 -11.96 -6.67
N ASN D 28 41.42 -11.44 -5.56
CA ASN D 28 42.73 -11.89 -5.09
C ASN D 28 42.74 -13.39 -4.84
N LYS D 29 41.63 -13.93 -4.32
CA LYS D 29 41.58 -15.34 -3.97
C LYS D 29 41.70 -16.22 -5.21
N LYS D 30 40.93 -15.92 -6.26
CA LYS D 30 40.88 -16.80 -7.41
C LYS D 30 42.10 -16.60 -8.32
N GLU D 31 42.53 -15.37 -8.53
CA GLU D 31 43.69 -15.09 -9.36
C GLU D 31 45.00 -15.03 -8.56
N ASN D 32 44.95 -15.30 -7.25
CA ASN D 32 46.14 -15.29 -6.42
C ASN D 32 46.89 -13.97 -6.55
N ALA D 33 46.14 -12.87 -6.45
CA ALA D 33 46.67 -11.52 -6.57
C ALA D 33 46.66 -10.82 -5.21
N LEU D 34 47.23 -9.61 -5.17
CA LEU D 34 47.34 -8.83 -3.94
C LEU D 34 46.96 -7.37 -4.22
N LEU D 35 45.68 -7.13 -4.50
CA LEU D 35 45.16 -5.79 -4.70
C LEU D 35 44.60 -5.24 -3.39
N GLU D 36 44.87 -3.96 -3.13
CA GLU D 36 44.43 -3.30 -1.92
C GLU D 36 43.34 -2.30 -2.29
N PHE D 37 42.12 -2.57 -1.82
CA PHE D 37 41.00 -1.68 -2.07
C PHE D 37 41.30 -0.29 -1.53
N VAL D 38 40.82 0.73 -2.25
CA VAL D 38 40.99 2.12 -1.83
C VAL D 38 39.62 2.76 -1.67
N ARG D 39 38.86 2.84 -2.77
CA ARG D 39 37.58 3.52 -2.73
C ARG D 39 36.77 3.12 -3.96
N VAL D 40 35.46 3.31 -3.85
CA VAL D 40 34.54 3.17 -4.98
C VAL D 40 34.36 4.54 -5.61
N VAL D 41 34.36 4.57 -6.94
CA VAL D 41 34.24 5.82 -7.68
C VAL D 41 32.98 5.91 -8.51
N LYS D 42 32.32 4.79 -8.81
CA LYS D 42 31.06 4.79 -9.54
C LYS D 42 30.34 3.47 -9.26
N ALA D 43 29.02 3.53 -9.17
CA ALA D 43 28.22 2.36 -8.83
C ALA D 43 26.90 2.42 -9.58
N LYS D 44 26.62 1.37 -10.36
CA LYS D 44 25.36 1.24 -11.08
C LYS D 44 24.68 -0.06 -10.67
N GLU D 45 23.38 0.01 -10.37
CA GLU D 45 22.61 -1.14 -9.90
C GLU D 45 21.55 -1.52 -10.93
N GLN D 46 21.29 -2.82 -11.04
CA GLN D 46 20.26 -3.34 -11.93
C GLN D 46 19.50 -4.44 -11.19
N ALA D 47 18.35 -4.09 -10.63
CA ALA D 47 17.54 -5.08 -9.94
C ALA D 47 17.04 -6.13 -10.92
N MET D 48 16.99 -7.39 -10.46
CA MET D 48 16.58 -8.51 -11.28
C MET D 48 15.77 -9.49 -10.43
N ASN D 49 14.71 -8.98 -9.82
CA ASN D 49 13.88 -9.79 -8.95
C ASN D 49 13.02 -10.76 -9.76
N THR D 50 12.51 -11.78 -9.07
CA THR D 50 11.49 -12.66 -9.60
C THR D 50 10.48 -12.89 -8.49
N GLY D 51 9.52 -13.78 -8.73
CA GLY D 51 8.58 -14.13 -7.69
C GLY D 51 9.22 -14.82 -6.50
N PHE D 52 10.46 -15.30 -6.65
CA PHE D 52 11.11 -16.10 -5.64
C PHE D 52 12.54 -15.65 -5.33
N THR D 53 12.88 -14.39 -5.65
CA THR D 53 14.18 -13.88 -5.28
C THR D 53 14.19 -12.36 -5.34
N LEU D 54 14.84 -11.75 -4.35
CA LEU D 54 15.22 -10.34 -4.38
C LEU D 54 16.69 -10.31 -4.74
N ALA D 55 16.99 -9.93 -5.98
CA ALA D 55 18.35 -9.98 -6.49
C ALA D 55 18.69 -8.70 -7.22
N THR D 56 19.98 -8.36 -7.20
CA THR D 56 20.48 -7.17 -7.87
C THR D 56 21.87 -7.47 -8.40
N MET D 57 22.15 -6.99 -9.60
CA MET D 57 23.46 -7.07 -10.20
C MET D 57 24.14 -5.72 -10.04
N TYR D 58 25.33 -5.73 -9.43
CA TYR D 58 26.06 -4.49 -9.16
C TYR D 58 27.23 -4.37 -10.12
N TYR D 59 27.33 -3.22 -10.78
CA TYR D 59 28.46 -2.88 -11.63
C TYR D 59 29.24 -1.79 -10.93
N LEU D 60 30.42 -2.14 -10.42
CA LEU D 60 31.19 -1.24 -9.58
C LEU D 60 32.51 -0.89 -10.27
N THR D 61 32.87 0.39 -10.23
CA THR D 61 34.20 0.85 -10.61
C THR D 61 34.91 1.31 -9.34
N LEU D 62 36.05 0.68 -9.05
CA LEU D 62 36.77 0.94 -7.81
C LEU D 62 38.24 1.20 -8.11
N GLU D 63 38.91 1.79 -7.13
CA GLU D 63 40.34 2.06 -7.22
C GLU D 63 41.06 1.14 -6.23
N ALA D 64 42.09 0.45 -6.71
CA ALA D 64 42.88 -0.45 -5.88
C ALA D 64 44.35 -0.28 -6.24
N LYS D 65 45.21 -0.55 -5.26
CA LYS D 65 46.65 -0.43 -5.45
C LYS D 65 47.19 -1.75 -5.99
N ASP D 66 47.74 -1.71 -7.20
CA ASP D 66 48.42 -2.85 -7.80
C ASP D 66 49.93 -2.60 -7.69
N GLY D 67 50.55 -3.24 -6.71
CA GLY D 67 51.97 -3.00 -6.45
C GLY D 67 52.27 -1.56 -6.11
N GLY D 68 51.40 -0.93 -5.32
CA GLY D 68 51.59 0.45 -4.91
C GLY D 68 50.97 1.47 -5.84
N LYS D 69 50.77 1.13 -7.11
CA LYS D 69 50.21 2.06 -8.08
C LYS D 69 48.70 1.95 -8.09
N LYS D 70 48.03 3.09 -8.01
CA LYS D 70 46.57 3.12 -8.06
C LYS D 70 46.07 2.83 -9.46
N LYS D 71 45.13 1.91 -9.58
CA LYS D 71 44.51 1.58 -10.85
C LYS D 71 43.01 1.45 -10.65
N LEU D 72 42.25 1.66 -11.72
CA LEU D 72 40.81 1.53 -11.70
C LEU D 72 40.39 0.18 -12.26
N TYR D 73 39.40 -0.43 -11.63
CA TYR D 73 38.88 -1.72 -12.04
C TYR D 73 37.36 -1.67 -12.07
N GLU D 74 36.78 -2.43 -13.00
CA GLU D 74 35.33 -2.61 -13.07
C GLU D 74 35.00 -4.00 -12.55
N ALA D 75 34.06 -4.07 -11.61
CA ALA D 75 33.69 -5.32 -10.97
C ALA D 75 32.19 -5.55 -11.13
N LYS D 76 31.83 -6.80 -11.40
CA LYS D 76 30.44 -7.21 -11.54
C LYS D 76 30.13 -8.18 -10.40
N VAL D 77 29.25 -7.77 -9.50
CA VAL D 77 28.93 -8.55 -8.31
C VAL D 77 27.44 -8.85 -8.32
N TRP D 78 27.11 -10.12 -8.09
CA TRP D 78 25.73 -10.61 -8.10
C TRP D 78 25.31 -10.91 -6.68
N VAL D 79 24.21 -10.31 -6.25
CA VAL D 79 23.66 -10.50 -4.91
C VAL D 79 22.24 -11.04 -5.04
N LYS D 80 21.98 -12.14 -4.35
CA LYS D 80 20.75 -12.90 -4.48
C LYS D 80 20.19 -13.23 -3.11
N ASN D 81 18.92 -12.90 -2.89
CA ASN D 81 18.23 -13.22 -1.64
C ASN D 81 17.06 -14.14 -1.94
N THR D 82 17.07 -15.34 -1.36
CA THR D 82 16.00 -16.30 -1.52
C THR D 82 15.44 -16.69 -0.15
N GLN D 83 14.26 -17.30 -0.16
CA GLN D 83 13.59 -17.74 1.05
C GLN D 83 13.23 -19.21 0.92
N TRP D 84 13.44 -19.96 2.00
CA TRP D 84 13.01 -21.36 2.08
C TRP D 84 12.21 -21.50 3.37
N HIS D 85 10.92 -21.82 3.22
CA HIS D 85 9.96 -21.73 4.31
C HIS D 85 9.95 -20.29 4.82
N ASN D 86 10.63 -20.01 5.94
CA ASN D 86 10.78 -18.64 6.41
C ASN D 86 12.23 -18.26 6.67
N ALA D 87 13.19 -19.05 6.19
CA ALA D 87 14.60 -18.77 6.38
C ALA D 87 15.16 -18.07 5.14
N MET D 88 15.77 -16.91 5.35
CA MET D 88 16.37 -16.15 4.25
C MET D 88 17.84 -16.56 4.07
N THR D 89 18.27 -16.60 2.81
CA THR D 89 19.66 -16.91 2.47
C THR D 89 20.18 -15.84 1.52
N ASN D 90 21.29 -15.22 1.91
CA ASN D 90 21.95 -14.21 1.08
C ASN D 90 23.16 -14.81 0.39
N PHE D 91 23.25 -14.61 -0.92
CA PHE D 91 24.33 -15.16 -1.74
C PHE D 91 24.97 -14.03 -2.53
N LYS D 92 26.29 -13.93 -2.43
CA LYS D 92 27.07 -12.95 -3.18
C LYS D 92 28.07 -13.68 -4.06
N GLU D 93 28.35 -13.10 -5.23
CA GLU D 93 29.23 -13.75 -6.20
C GLU D 93 29.90 -12.70 -7.09
N LEU D 94 31.21 -12.81 -7.22
CA LEU D 94 31.95 -12.00 -8.19
C LEU D 94 31.91 -12.72 -9.54
N GLN D 95 31.30 -12.07 -10.54
CA GLN D 95 31.16 -12.67 -11.86
C GLN D 95 32.12 -12.10 -12.89
N GLU D 96 32.66 -10.91 -12.67
CA GLU D 96 33.60 -10.31 -13.61
C GLU D 96 34.40 -9.24 -12.88
N PHE D 97 35.69 -9.18 -13.19
CA PHE D 97 36.60 -8.22 -12.56
C PHE D 97 37.67 -7.90 -13.59
N LYS D 98 37.65 -6.68 -14.12
CA LYS D 98 38.56 -6.28 -15.18
C LYS D 98 39.05 -4.87 -14.96
N PRO D 99 40.24 -4.53 -15.44
CA PRO D 99 40.75 -3.17 -15.33
C PRO D 99 40.08 -2.24 -16.35
N VAL D 100 40.47 -0.96 -16.28
CA VAL D 100 39.98 0.05 -17.21
C VAL D 100 41.15 0.59 -18.02
#